data_3Q86
#
_entry.id   3Q86
#
_cell.length_a   75.302
_cell.length_b   75.302
_cell.length_c   154.712
_cell.angle_alpha   90.00
_cell.angle_beta   90.00
_cell.angle_gamma   120.00
#
_symmetry.space_group_name_H-M   'H 3'
#
loop_
_entity.id
_entity.type
_entity.pdbx_description
1 polymer 'Nucleoside diphosphate kinase'
2 non-polymer "GUANOSINE-5'-TRIPHOSPHATE"
3 non-polymer 'MAGNESIUM ION'
4 water water
#
_entity_poly.entity_id   1
_entity_poly.type   'polypeptide(L)'
_entity_poly.pdbx_seq_one_letter_code
;MERTFLMIKPDAVQRNLIGEVISRIERKGLKLVGGKLMQVPMELAETHYGEHQGKPFYNDLISFITSAPVFAMVVEGEDA
VNVSRHIIGSTNPSEASPGSIRGDLGLTVGRNIIHGSDSLESAEREINLWFNENEITSYASPRDAWLYELEHHHHHH
;
_entity_poly.pdbx_strand_id   A,B
#
# COMPACT_ATOMS: atom_id res chain seq x y z
N MET A 1 -4.29 -13.82 16.02
CA MET A 1 -5.58 -13.29 15.55
C MET A 1 -5.72 -13.69 14.08
N GLU A 2 -6.93 -13.98 13.65
CA GLU A 2 -7.22 -14.41 12.29
C GLU A 2 -6.63 -13.49 11.21
N ARG A 3 -6.04 -14.09 10.18
CA ARG A 3 -5.54 -13.39 9.05
C ARG A 3 -6.22 -13.86 7.78
N THR A 4 -6.26 -12.98 6.79
CA THR A 4 -6.69 -13.40 5.46
C THR A 4 -5.76 -12.79 4.42
N PHE A 5 -5.76 -13.37 3.23
CA PHE A 5 -5.02 -12.74 2.10
C PHE A 5 -5.95 -11.89 1.20
N LEU A 6 -5.51 -10.66 0.92
CA LEU A 6 -6.26 -9.80 -0.02
C LEU A 6 -5.39 -9.35 -1.19
N MET A 7 -6.00 -9.22 -2.35
CA MET A 7 -5.18 -8.72 -3.47
C MET A 7 -5.92 -7.71 -4.29
N ILE A 8 -5.31 -6.52 -4.40
CA ILE A 8 -5.80 -5.46 -5.29
C ILE A 8 -5.37 -5.78 -6.68
N LYS A 9 -6.33 -5.95 -7.58
CA LYS A 9 -6.02 -6.56 -8.87
C LYS A 9 -5.60 -5.45 -9.83
N PRO A 10 -5.04 -5.80 -11.00
CA PRO A 10 -4.51 -4.84 -11.99
C PRO A 10 -5.53 -3.81 -12.50
N ASP A 11 -6.81 -4.15 -12.51
CA ASP A 11 -7.86 -3.15 -12.80
C ASP A 11 -7.90 -1.99 -11.79
N ALA A 12 -7.81 -2.27 -10.50
CA ALA A 12 -7.84 -1.17 -9.51
C ALA A 12 -6.52 -0.37 -9.57
N VAL A 13 -5.42 -1.08 -9.86
CA VAL A 13 -4.10 -0.46 -9.96
C VAL A 13 -4.15 0.50 -11.14
N GLN A 14 -4.61 0.02 -12.28
CA GLN A 14 -4.59 0.81 -13.51
C GLN A 14 -5.67 1.91 -13.54
N ARG A 15 -6.62 1.81 -12.61
CA ARG A 15 -7.65 2.80 -12.47
C ARG A 15 -7.29 3.75 -11.34
N ASN A 16 -6.12 3.54 -10.71
CA ASN A 16 -5.60 4.42 -9.66
C ASN A 16 -6.50 4.49 -8.43
N LEU A 17 -6.89 3.31 -7.95
CA LEU A 17 -7.86 3.16 -6.89
C LEU A 17 -7.21 2.45 -5.71
N ILE A 18 -5.88 2.37 -5.75
CA ILE A 18 -5.17 1.70 -4.68
C ILE A 18 -5.50 2.27 -3.29
N GLY A 19 -5.41 3.59 -3.13
CA GLY A 19 -5.63 4.22 -1.85
C GLY A 19 -7.07 4.07 -1.35
N GLU A 20 -8.02 4.26 -2.26
CA GLU A 20 -9.44 4.10 -1.99
C GLU A 20 -9.74 2.73 -1.45
N VAL A 21 -9.27 1.67 -2.11
CA VAL A 21 -9.56 0.30 -1.64
C VAL A 21 -8.86 0.08 -0.30
N ILE A 22 -7.57 0.45 -0.18
CA ILE A 22 -6.92 0.33 1.12
C ILE A 22 -7.67 1.09 2.21
N SER A 23 -8.16 2.29 1.92
CA SER A 23 -8.94 3.04 2.91
C SER A 23 -10.15 2.28 3.40
N ARG A 24 -10.80 1.57 2.49
CA ARG A 24 -12.04 0.87 2.89
C ARG A 24 -11.72 -0.30 3.83
N ILE A 25 -10.57 -0.94 3.61
CA ILE A 25 -10.05 -1.99 4.45
C ILE A 25 -9.66 -1.47 5.84
N GLU A 26 -8.85 -0.42 5.88
CA GLU A 26 -8.40 0.18 7.13
C GLU A 26 -9.52 0.67 8.02
N ARG A 27 -10.47 1.40 7.45
CA ARG A 27 -11.42 2.08 8.29
C ARG A 27 -12.44 1.07 8.87
N LYS A 28 -12.42 -0.14 8.34
CA LYS A 28 -13.27 -1.21 8.84
C LYS A 28 -12.72 -1.75 10.16
N GLY A 29 -11.43 -1.53 10.43
CA GLY A 29 -10.79 -2.02 11.64
C GLY A 29 -9.71 -3.10 11.35
N LEU A 30 -9.54 -3.45 10.09
CA LEU A 30 -8.65 -4.52 9.74
C LEU A 30 -7.24 -3.97 9.74
N LYS A 31 -6.32 -4.77 10.24
CA LYS A 31 -4.92 -4.34 10.40
C LYS A 31 -4.05 -4.87 9.23
N LEU A 32 -3.40 -3.95 8.53
CA LEU A 32 -2.52 -4.34 7.44
C LEU A 32 -1.22 -4.78 8.09
N VAL A 33 -0.83 -6.00 7.78
CA VAL A 33 0.18 -6.73 8.52
C VAL A 33 1.26 -7.24 7.52
N GLY A 34 0.88 -7.38 6.24
CA GLY A 34 1.85 -7.50 5.12
C GLY A 34 1.26 -6.87 3.88
N GLY A 35 2.09 -6.32 3.01
CA GLY A 35 1.59 -5.61 1.88
C GLY A 35 2.74 -5.32 0.93
N LYS A 36 2.60 -5.66 -0.37
CA LYS A 36 3.64 -5.36 -1.38
C LYS A 36 3.06 -5.21 -2.75
N LEU A 37 3.54 -4.24 -3.54
CA LEU A 37 3.22 -4.11 -4.96
C LEU A 37 4.13 -5.01 -5.77
N MET A 38 3.55 -5.82 -6.63
CA MET A 38 4.31 -6.83 -7.38
C MET A 38 3.60 -7.21 -8.65
N GLN A 39 4.42 -7.46 -9.67
CA GLN A 39 4.02 -8.16 -10.83
C GLN A 39 3.82 -9.66 -10.46
N VAL A 40 2.74 -10.30 -10.93
CA VAL A 40 2.46 -11.70 -10.63
C VAL A 40 3.06 -12.57 -11.74
N PRO A 41 4.06 -13.44 -11.40
CA PRO A 41 4.63 -14.35 -12.39
C PRO A 41 3.57 -15.37 -12.73
N MET A 42 3.59 -15.77 -13.98
CA MET A 42 2.77 -16.81 -14.54
C MET A 42 2.52 -17.97 -13.63
N GLU A 43 3.59 -18.58 -13.12
CA GLU A 43 3.50 -19.78 -12.31
C GLU A 43 2.75 -19.51 -11.02
N LEU A 44 2.93 -18.32 -10.41
CA LEU A 44 2.15 -17.89 -9.22
C LEU A 44 0.63 -17.71 -9.50
N ALA A 45 0.30 -17.05 -10.60
CA ALA A 45 -1.09 -16.92 -11.03
C ALA A 45 -1.75 -18.29 -11.09
N GLU A 46 -1.10 -19.21 -11.81
CA GLU A 46 -1.63 -20.53 -12.10
C GLU A 46 -1.75 -21.37 -10.86
N THR A 47 -0.82 -21.22 -9.93
CA THR A 47 -1.05 -21.94 -8.68
C THR A 47 -2.08 -21.28 -7.80
N HIS A 48 -2.09 -19.95 -7.77
CA HIS A 48 -3.10 -19.23 -7.03
C HIS A 48 -4.51 -19.64 -7.50
N TYR A 49 -4.72 -19.62 -8.81
CA TYR A 49 -6.03 -19.81 -9.34
C TYR A 49 -6.25 -21.25 -9.84
N GLY A 50 -5.45 -22.17 -9.32
CA GLY A 50 -5.52 -23.59 -9.69
C GLY A 50 -6.91 -24.20 -9.81
N GLU A 51 -7.77 -23.92 -8.85
CA GLU A 51 -9.10 -24.50 -8.75
C GLU A 51 -10.00 -24.10 -9.92
N HIS A 52 -9.56 -23.10 -10.69
CA HIS A 52 -10.35 -22.61 -11.82
C HIS A 52 -9.94 -23.14 -13.17
N GLN A 53 -9.00 -24.08 -13.20
CA GLN A 53 -8.44 -24.62 -14.47
C GLN A 53 -9.41 -25.04 -15.57
N GLY A 54 -10.50 -25.67 -15.20
CA GLY A 54 -11.46 -26.14 -16.26
C GLY A 54 -12.42 -25.08 -16.84
N LYS A 55 -12.51 -23.95 -16.13
CA LYS A 55 -13.61 -22.99 -16.29
C LYS A 55 -13.49 -22.00 -17.43
N PRO A 56 -14.65 -21.51 -17.89
CA PRO A 56 -14.62 -20.75 -19.14
C PRO A 56 -13.81 -19.48 -18.99
N PHE A 57 -13.73 -18.95 -17.78
CA PHE A 57 -13.08 -17.65 -17.57
C PHE A 57 -11.61 -17.74 -17.26
N TYR A 58 -11.10 -18.96 -17.10
CA TYR A 58 -9.71 -19.26 -16.67
C TYR A 58 -8.62 -18.55 -17.41
N ASN A 59 -8.58 -18.68 -18.72
CA ASN A 59 -7.51 -18.09 -19.53
C ASN A 59 -7.49 -16.58 -19.44
N ASP A 60 -8.68 -16.00 -19.45
CA ASP A 60 -8.86 -14.57 -19.25
C ASP A 60 -8.40 -14.16 -17.86
N LEU A 61 -8.72 -14.96 -16.84
CA LEU A 61 -8.30 -14.67 -15.47
C LEU A 61 -6.79 -14.56 -15.37
N ILE A 62 -6.10 -15.61 -15.83
CA ILE A 62 -4.63 -15.69 -15.79
C ILE A 62 -3.98 -14.54 -16.54
N SER A 63 -4.50 -14.23 -17.75
CA SER A 63 -4.00 -13.09 -18.49
C SER A 63 -4.17 -11.76 -17.74
N PHE A 64 -5.41 -11.48 -17.34
CA PHE A 64 -5.70 -10.26 -16.62
C PHE A 64 -4.78 -10.07 -15.41
N ILE A 65 -4.68 -11.11 -14.59
CA ILE A 65 -3.99 -10.98 -13.33
C ILE A 65 -2.47 -10.81 -13.47
N THR A 66 -1.93 -11.18 -14.65
CA THR A 66 -0.49 -11.07 -14.96
C THR A 66 -0.27 -9.83 -15.85
N SER A 67 -1.30 -9.02 -16.05
CA SER A 67 -1.18 -7.94 -17.02
C SER A 67 -0.64 -6.60 -16.49
N ALA A 68 -0.67 -6.40 -15.19
CA ALA A 68 -0.03 -5.24 -14.53
C ALA A 68 0.12 -5.61 -13.06
N PRO A 69 0.83 -4.76 -12.28
CA PRO A 69 1.07 -5.14 -10.89
C PRO A 69 -0.20 -5.27 -10.03
N VAL A 70 -0.09 -5.98 -8.94
CA VAL A 70 -1.18 -6.14 -8.00
C VAL A 70 -0.63 -5.69 -6.68
N PHE A 71 -1.53 -5.34 -5.76
CA PHE A 71 -1.09 -5.03 -4.43
C PHE A 71 -1.54 -6.17 -3.53
N ALA A 72 -0.59 -7.04 -3.17
CA ALA A 72 -0.84 -8.21 -2.35
C ALA A 72 -0.79 -7.86 -0.87
N MET A 73 -1.66 -8.45 -0.07
CA MET A 73 -1.81 -8.00 1.32
C MET A 73 -2.13 -9.11 2.26
N VAL A 74 -1.64 -8.98 3.49
CA VAL A 74 -2.10 -9.80 4.58
C VAL A 74 -2.75 -8.87 5.56
N VAL A 75 -3.92 -9.24 6.07
CA VAL A 75 -4.79 -8.38 6.81
C VAL A 75 -5.31 -9.18 7.98
N GLU A 76 -5.30 -8.56 9.15
CA GLU A 76 -5.52 -9.25 10.37
C GLU A 76 -6.67 -8.61 11.14
N GLY A 77 -7.55 -9.44 11.72
CA GLY A 77 -8.67 -9.00 12.57
C GLY A 77 -9.61 -10.14 12.98
N GLU A 78 -10.32 -9.98 14.06
CA GLU A 78 -11.25 -11.04 14.43
C GLU A 78 -12.20 -11.30 13.25
N ASP A 79 -12.42 -12.57 12.89
CA ASP A 79 -13.30 -12.91 11.78
C ASP A 79 -12.85 -12.23 10.46
N ALA A 80 -11.53 -11.98 10.31
CA ALA A 80 -10.98 -11.28 9.11
C ALA A 80 -11.43 -11.86 7.78
N VAL A 81 -11.48 -13.18 7.65
CA VAL A 81 -11.88 -13.79 6.38
C VAL A 81 -13.29 -13.36 5.98
N ASN A 82 -14.25 -13.59 6.83
CA ASN A 82 -15.61 -13.30 6.50
C ASN A 82 -15.87 -11.77 6.48
N VAL A 83 -15.10 -11.01 7.27
CA VAL A 83 -15.31 -9.58 7.29
C VAL A 83 -14.92 -9.04 5.91
N SER A 84 -13.76 -9.48 5.42
CA SER A 84 -13.24 -8.97 4.17
C SER A 84 -14.16 -9.25 3.04
N ARG A 85 -14.73 -10.45 2.99
CA ARG A 85 -15.65 -10.83 1.95
C ARG A 85 -16.90 -9.95 1.95
N HIS A 86 -17.33 -9.61 3.16
CA HIS A 86 -18.55 -8.81 3.33
C HIS A 86 -18.27 -7.39 2.74
N ILE A 87 -17.12 -6.79 3.03
CA ILE A 87 -16.89 -5.42 2.52
C ILE A 87 -16.45 -5.41 1.05
N ILE A 88 -15.88 -6.53 0.58
CA ILE A 88 -15.51 -6.67 -0.81
C ILE A 88 -16.79 -6.81 -1.69
N GLY A 89 -17.75 -7.62 -1.28
CA GLY A 89 -18.98 -7.72 -2.05
C GLY A 89 -18.99 -8.94 -2.93
N SER A 90 -20.16 -9.30 -3.43
CA SER A 90 -20.31 -10.49 -4.23
C SER A 90 -19.55 -10.39 -5.57
N THR A 91 -19.35 -11.53 -6.23
CA THR A 91 -18.34 -11.68 -7.26
C THR A 91 -18.65 -10.83 -8.47
N ASN A 92 -19.94 -10.74 -8.80
CA ASN A 92 -20.39 -9.88 -9.87
C ASN A 92 -20.68 -8.48 -9.29
N PRO A 93 -19.86 -7.49 -9.65
CA PRO A 93 -20.04 -6.15 -9.05
C PRO A 93 -21.40 -5.49 -9.33
N SER A 94 -22.09 -5.91 -10.40
CA SER A 94 -23.50 -5.49 -10.65
C SER A 94 -24.50 -6.02 -9.61
N GLU A 95 -24.14 -7.01 -8.80
CA GLU A 95 -25.04 -7.46 -7.76
C GLU A 95 -24.44 -7.25 -6.46
N ALA A 96 -23.17 -6.85 -6.44
CA ALA A 96 -22.48 -6.65 -5.18
C ALA A 96 -23.22 -5.50 -4.52
N SER A 97 -23.31 -5.51 -3.19
CA SER A 97 -24.09 -4.57 -2.44
C SER A 97 -23.52 -3.16 -2.52
N PRO A 98 -24.38 -2.14 -2.73
CA PRO A 98 -23.85 -0.78 -2.70
C PRO A 98 -23.15 -0.51 -1.36
N GLY A 99 -22.06 0.27 -1.40
CA GLY A 99 -21.22 0.39 -0.21
C GLY A 99 -20.09 -0.64 -0.09
N SER A 100 -20.17 -1.75 -0.83
CA SER A 100 -19.06 -2.65 -0.93
C SER A 100 -18.05 -2.16 -1.98
N ILE A 101 -16.85 -2.68 -1.89
CA ILE A 101 -15.80 -2.36 -2.83
C ILE A 101 -16.27 -2.69 -4.27
N ARG A 102 -16.66 -3.95 -4.53
CA ARG A 102 -17.13 -4.29 -5.87
C ARG A 102 -18.44 -3.51 -6.18
N GLY A 103 -19.30 -3.29 -5.18
CA GLY A 103 -20.61 -2.68 -5.42
C GLY A 103 -20.55 -1.21 -5.81
N ASP A 104 -19.54 -0.51 -5.28
CA ASP A 104 -19.26 0.86 -5.61
C ASP A 104 -18.24 1.04 -6.79
N LEU A 105 -17.25 0.16 -6.94
CA LEU A 105 -16.13 0.47 -7.87
C LEU A 105 -16.06 -0.40 -9.09
N GLY A 106 -16.72 -1.56 -9.05
CA GLY A 106 -16.52 -2.57 -10.10
C GLY A 106 -17.71 -2.59 -11.05
N LEU A 107 -17.49 -3.01 -12.31
CA LEU A 107 -18.58 -3.19 -13.28
C LEU A 107 -18.82 -4.67 -13.57
N THR A 108 -17.78 -5.38 -14.00
CA THR A 108 -18.01 -6.71 -14.57
C THR A 108 -17.32 -7.73 -13.69
N VAL A 109 -17.80 -8.96 -13.80
CA VAL A 109 -17.43 -10.07 -12.95
C VAL A 109 -15.93 -10.38 -13.13
N GLY A 110 -15.38 -10.25 -14.33
CA GLY A 110 -13.99 -10.56 -14.55
C GLY A 110 -13.01 -9.46 -14.20
N ARG A 111 -13.50 -8.24 -14.00
CA ARG A 111 -12.70 -7.09 -13.56
C ARG A 111 -13.31 -6.52 -12.27
N ASN A 112 -13.12 -7.25 -11.18
CA ASN A 112 -13.84 -6.92 -9.96
C ASN A 112 -12.92 -6.49 -8.81
N ILE A 113 -11.89 -5.71 -9.16
CA ILE A 113 -11.16 -4.85 -8.19
C ILE A 113 -10.20 -5.51 -7.23
N ILE A 114 -10.65 -6.58 -6.57
CA ILE A 114 -9.92 -7.10 -5.46
C ILE A 114 -10.27 -8.58 -5.22
N HIS A 115 -9.33 -9.36 -4.71
CA HIS A 115 -9.61 -10.75 -4.32
C HIS A 115 -9.42 -10.86 -2.83
N GLY A 116 -10.26 -11.67 -2.19
CA GLY A 116 -10.09 -12.06 -0.79
C GLY A 116 -10.18 -13.58 -0.62
N SER A 117 -9.37 -14.16 0.26
CA SER A 117 -9.55 -15.58 0.63
C SER A 117 -10.99 -15.91 0.96
N ASP A 118 -11.46 -17.06 0.45
CA ASP A 118 -12.87 -17.40 0.65
C ASP A 118 -13.14 -18.23 1.92
N SER A 119 -12.09 -18.51 2.71
CA SER A 119 -12.22 -19.35 3.94
C SER A 119 -10.92 -19.39 4.70
N LEU A 120 -11.01 -19.94 5.92
CA LEU A 120 -9.86 -20.03 6.82
C LEU A 120 -8.74 -20.83 6.14
N GLU A 121 -9.12 -21.95 5.51
CA GLU A 121 -8.16 -22.85 4.92
N SER A 122 -8.27 -21.58 2.85
CA SER A 122 -7.62 -21.01 1.70
C SER A 122 -6.82 -19.74 2.09
N ALA A 123 -7.21 -19.06 3.19
CA ALA A 123 -6.39 -17.97 3.75
C ALA A 123 -4.96 -18.41 4.18
N GLU A 124 -4.86 -19.41 5.05
CA GLU A 124 -3.56 -19.95 5.46
N ARG A 125 -3.40 -20.91 3.23
CA ARG A 125 -2.75 -21.36 2.00
C ARG A 125 -2.28 -20.20 1.09
N GLU A 126 -3.12 -19.19 0.97
CA GLU A 126 -2.81 -18.07 0.10
C GLU A 126 -1.74 -17.16 0.71
N ILE A 127 -1.86 -16.90 2.02
CA ILE A 127 -0.80 -16.22 2.76
C ILE A 127 0.59 -16.85 2.62
N ASN A 128 0.66 -18.17 2.79
CA ASN A 128 1.94 -18.90 2.60
C ASN A 128 2.41 -18.88 1.18
N LEU A 129 1.48 -18.84 0.23
CA LEU A 129 1.89 -18.83 -1.15
C LEU A 129 2.56 -17.49 -1.55
N TRP A 130 1.98 -16.39 -1.10
CA TRP A 130 2.37 -15.06 -1.54
C TRP A 130 3.42 -14.42 -0.66
N PHE A 131 3.42 -14.81 0.62
CA PHE A 131 4.27 -14.22 1.64
C PHE A 131 5.10 -15.22 2.47
N ASN A 132 6.38 -14.97 2.52
CA ASN A 132 7.18 -15.47 3.58
C ASN A 132 6.93 -14.57 4.75
N GLU A 133 7.11 -15.12 5.90
CA GLU A 133 6.67 -14.44 7.11
C GLU A 133 7.74 -13.51 7.66
N ASN A 134 8.86 -13.56 7.11
CA ASN A 134 9.67 -12.38 7.41
C ASN A 134 9.08 -11.13 6.75
N GLU A 135 8.12 -11.36 5.85
CA GLU A 135 7.39 -10.30 5.18
C GLU A 135 6.18 -9.85 5.98
N ILE A 136 5.82 -10.63 6.98
CA ILE A 136 4.64 -10.35 7.73
C ILE A 136 5.01 -9.75 9.11
N THR A 137 4.62 -8.50 9.32
CA THR A 137 4.98 -7.81 10.55
C THR A 137 3.93 -8.14 11.59
N SER A 138 4.29 -7.98 12.84
CA SER A 138 3.33 -8.18 13.93
C SER A 138 3.41 -6.98 14.86
N TYR A 139 2.29 -6.31 15.05
CA TYR A 139 2.36 -5.10 15.85
C TYR A 139 1.01 -4.81 16.40
N ALA A 140 1.01 -4.33 17.62
CA ALA A 140 -0.17 -3.86 18.30
C ALA A 140 -0.49 -2.43 17.81
N SER A 141 -1.76 -2.04 17.74
CA SER A 141 -2.12 -0.70 17.30
C SER A 141 -2.97 -0.04 18.35
N PRO A 142 -2.94 1.30 18.41
CA PRO A 142 -3.70 1.97 19.48
C PRO A 142 -5.21 1.67 19.46
N ARG A 143 -5.80 1.46 18.28
CA ARG A 143 -7.27 1.27 18.24
C ARG A 143 -7.71 -0.11 18.73
N ASP A 144 -6.78 -1.05 18.85
CA ASP A 144 -7.14 -2.45 19.10
C ASP A 144 -8.01 -2.66 20.34
N ALA A 145 -7.70 -1.96 21.42
CA ALA A 145 -8.44 -2.06 22.68
C ALA A 145 -9.83 -1.44 22.53
N TRP A 146 -10.07 -0.80 21.39
CA TRP A 146 -11.35 -0.15 21.10
C TRP A 146 -12.16 -0.92 20.06
N LEU A 147 -11.50 -1.71 19.22
CA LEU A 147 -12.26 -2.57 18.30
C LEU A 147 -12.86 -3.80 18.99
N TYR A 148 -12.18 -4.27 20.03
CA TYR A 148 -12.34 -5.61 20.61
C TYR A 148 -12.58 -5.57 22.11
N GLU A 149 -13.40 -6.51 22.60
CA GLU A 149 -13.58 -6.71 24.05
C GLU A 149 -12.52 -7.69 24.59
N MET B 1 11.62 7.72 -16.35
CA MET B 1 10.89 8.89 -15.79
C MET B 1 11.37 9.04 -14.35
N GLU B 2 11.38 10.28 -13.86
CA GLU B 2 11.86 10.59 -12.54
C GLU B 2 11.16 9.76 -11.44
N ARG B 3 11.95 9.31 -10.46
CA ARG B 3 11.42 8.60 -9.30
C ARG B 3 11.77 9.32 -8.02
N THR B 4 10.96 9.11 -7.00
CA THR B 4 11.35 9.56 -5.67
C THR B 4 11.00 8.48 -4.67
N PHE B 5 11.65 8.50 -3.49
CA PHE B 5 11.31 7.56 -2.41
C PHE B 5 10.36 8.25 -1.39
N LEU B 6 9.22 7.62 -1.09
CA LEU B 6 8.30 8.17 -0.09
C LEU B 6 8.11 7.16 1.00
N MET B 7 7.96 7.62 2.24
CA MET B 7 7.69 6.64 3.30
C MET B 7 6.60 7.09 4.22
N ILE B 8 5.59 6.26 4.35
CA ILE B 8 4.54 6.53 5.33
C ILE B 8 5.01 6.15 6.71
N LYS B 9 5.10 7.13 7.60
CA LYS B 9 5.74 6.87 8.89
C LYS B 9 4.81 6.10 9.85
N PRO B 10 5.35 5.60 10.99
CA PRO B 10 4.59 4.80 11.98
C PRO B 10 3.42 5.52 12.64
N ASP B 11 3.49 6.86 12.77
CA ASP B 11 2.30 7.65 13.19
C ASP B 11 1.09 7.47 12.23
N ALA B 12 1.31 7.55 10.90
CA ALA B 12 0.20 7.45 9.98
C ALA B 12 -0.32 6.00 9.98
N VAL B 13 0.60 5.04 10.09
CA VAL B 13 0.25 3.65 10.12
C VAL B 13 -0.61 3.40 11.37
N GLN B 14 -0.16 3.89 12.53
CA GLN B 14 -0.86 3.71 13.81
C GLN B 14 -2.10 4.57 13.96
N ARG B 15 -2.24 5.53 13.05
CA ARG B 15 -3.44 6.30 13.05
C ARG B 15 -4.36 5.83 11.91
N ASN B 16 -3.97 4.78 11.20
CA ASN B 16 -4.85 4.16 10.20
C ASN B 16 -5.17 5.12 9.10
N LEU B 17 -4.10 5.72 8.58
CA LEU B 17 -4.18 6.78 7.59
C LEU B 17 -3.45 6.33 6.34
N ILE B 18 -3.16 5.03 6.24
CA ILE B 18 -2.38 4.54 5.06
C ILE B 18 -3.10 4.79 3.73
N GLY B 19 -4.38 4.44 3.63
CA GLY B 19 -5.12 4.63 2.39
C GLY B 19 -5.24 6.10 2.01
N GLU B 20 -5.50 6.94 3.01
CA GLU B 20 -5.71 8.38 2.82
C GLU B 20 -4.46 9.02 2.22
N VAL B 21 -3.31 8.71 2.82
CA VAL B 21 -2.04 9.23 2.30
C VAL B 21 -1.79 8.71 0.88
N ILE B 22 -2.00 7.41 0.66
CA ILE B 22 -1.84 6.84 -0.67
C ILE B 22 -2.73 7.51 -1.71
N SER B 23 -4.00 7.76 -1.35
CA SER B 23 -4.95 8.42 -2.26
C SER B 23 -4.48 9.77 -2.70
N ARG B 24 -3.85 10.51 -1.82
CA ARG B 24 -3.50 11.87 -2.13
C ARG B 24 -2.37 11.86 -3.11
N ILE B 25 -1.50 10.84 -3.02
CA ILE B 25 -0.38 10.66 -3.94
C ILE B 25 -0.91 10.23 -5.34
N GLU B 26 -1.82 9.22 -5.37
CA GLU B 26 -2.37 8.68 -6.63
C GLU B 26 -3.07 9.77 -7.39
N ARG B 27 -3.95 10.50 -6.71
CA ARG B 27 -4.85 11.42 -7.41
C ARG B 27 -4.06 12.66 -7.95
N LYS B 28 -2.82 12.79 -7.52
CA LYS B 28 -2.00 13.86 -7.95
C LYS B 28 -1.43 13.47 -9.35
N GLY B 29 -1.49 12.18 -9.72
CA GLY B 29 -0.90 11.73 -10.98
C GLY B 29 0.35 10.86 -10.86
N LEU B 30 0.86 10.78 -9.64
CA LEU B 30 2.05 10.04 -9.36
C LEU B 30 1.75 8.55 -9.42
N LYS B 31 2.70 7.77 -9.96
CA LYS B 31 2.54 6.34 -10.23
C LYS B 31 3.30 5.56 -9.18
N LEU B 32 2.60 4.70 -8.48
CA LEU B 32 3.21 3.81 -7.52
C LEU B 32 3.84 2.64 -8.25
N VAL B 33 5.13 2.52 -8.03
CA VAL B 33 5.95 1.68 -8.86
C VAL B 33 6.68 0.64 -7.96
N GLY B 34 6.93 0.99 -6.71
CA GLY B 34 7.30 -0.02 -5.69
C GLY B 34 6.62 0.38 -4.37
N GLY B 35 6.28 -0.58 -3.53
CA GLY B 35 5.73 -0.29 -2.21
C GLY B 35 5.71 -1.56 -1.35
N LYS B 36 6.09 -1.43 -0.09
CA LYS B 36 5.97 -2.53 0.83
C LYS B 36 5.82 -2.06 2.25
N LEU B 37 5.13 -2.83 3.06
CA LEU B 37 4.94 -2.52 4.46
C LEU B 37 6.02 -3.26 5.21
N MET B 38 6.78 -2.55 6.03
CA MET B 38 7.93 -3.21 6.66
C MET B 38 8.29 -2.57 7.99
N GLN B 39 8.75 -3.42 8.89
CA GLN B 39 9.40 -2.96 10.09
C GLN B 39 10.78 -2.47 9.62
N VAL B 40 11.24 -1.33 10.14
CA VAL B 40 12.52 -0.72 9.75
C VAL B 40 13.56 -1.17 10.76
N PRO B 41 14.54 -2.00 10.32
CA PRO B 41 15.64 -2.40 11.24
C PRO B 41 16.44 -1.19 11.65
N MET B 42 16.91 -1.19 12.89
CA MET B 42 17.82 -0.18 13.42
C MET B 42 18.87 0.41 12.44
N GLU B 43 19.61 -0.48 11.77
CA GLU B 43 20.72 -0.10 10.86
C GLU B 43 20.20 0.82 9.74
N LEU B 44 19.10 0.35 9.15
CA LEU B 44 18.43 1.02 8.03
C LEU B 44 17.93 2.41 8.41
N ALA B 45 17.30 2.53 9.59
CA ALA B 45 16.89 3.84 10.08
C ALA B 45 18.11 4.74 10.19
N GLU B 46 19.17 4.21 10.84
CA GLU B 46 20.37 4.99 11.11
C GLU B 46 21.09 5.42 9.84
N THR B 47 21.13 4.56 8.82
CA THR B 47 21.75 4.99 7.59
C THR B 47 20.77 5.88 6.83
N HIS B 48 19.46 5.60 6.96
CA HIS B 48 18.48 6.43 6.24
C HIS B 48 18.50 7.89 6.72
N TYR B 49 18.47 8.07 8.04
CA TYR B 49 18.57 9.41 8.61
C TYR B 49 19.98 9.84 9.07
N GLY B 50 21.02 9.29 8.45
CA GLY B 50 22.42 9.54 8.87
C GLY B 50 22.84 11.02 8.96
N GLU B 51 22.29 11.86 8.08
CA GLU B 51 22.66 13.26 8.04
C GLU B 51 22.18 13.98 9.31
N HIS B 52 21.30 13.32 10.05
CA HIS B 52 20.74 13.93 11.27
C HIS B 52 21.46 13.49 12.54
N GLN B 53 22.54 12.75 12.42
CA GLN B 53 23.27 12.18 13.55
C GLN B 53 23.51 13.23 14.62
N GLY B 54 24.08 14.36 14.40
CA GLY B 54 24.29 15.17 15.62
C GLY B 54 23.07 15.76 16.37
N LYS B 55 21.94 15.86 15.70
CA LYS B 55 20.91 16.81 16.03
C LYS B 55 20.13 16.44 17.31
N PRO B 56 19.57 17.45 18.01
CA PRO B 56 18.79 17.14 19.22
C PRO B 56 17.63 16.12 19.01
N PHE B 57 16.99 16.13 17.83
CA PHE B 57 15.81 15.27 17.59
C PHE B 57 16.17 13.85 17.19
N TYR B 58 17.46 13.59 16.99
CA TYR B 58 17.90 12.33 16.32
C TYR B 58 17.45 11.03 17.01
N ASN B 59 17.71 10.93 18.31
CA ASN B 59 17.38 9.72 19.02
C ASN B 59 15.88 9.47 19.03
N ASP B 60 15.09 10.53 19.13
CA ASP B 60 13.64 10.40 19.06
C ASP B 60 13.24 9.95 17.63
N LEU B 61 13.86 10.53 16.60
CA LEU B 61 13.62 10.15 15.21
C LEU B 61 13.82 8.63 15.03
N ILE B 62 15.02 8.14 15.36
CA ILE B 62 15.38 6.74 15.18
C ILE B 62 14.41 5.84 15.95
N SER B 63 14.05 6.23 17.19
CA SER B 63 13.10 5.43 17.98
C SER B 63 11.70 5.42 17.36
N PHE B 64 11.18 6.61 17.04
CA PHE B 64 9.91 6.73 16.35
C PHE B 64 9.86 5.89 15.10
N ILE B 65 10.88 6.00 14.25
CA ILE B 65 10.77 5.37 12.95
C ILE B 65 10.87 3.80 13.03
N THR B 66 11.39 3.29 14.14
CA THR B 66 11.65 1.86 14.32
C THR B 66 10.61 1.30 15.27
N SER B 67 9.62 2.12 15.65
CA SER B 67 8.62 1.75 16.64
C SER B 67 7.40 0.95 16.08
N ALA B 68 7.09 1.06 14.79
CA ALA B 68 6.03 0.23 14.17
C ALA B 68 6.33 0.28 12.71
N PRO B 69 5.61 -0.54 11.92
CA PRO B 69 5.88 -0.60 10.47
C PRO B 69 5.73 0.73 9.75
N VAL B 70 6.39 0.87 8.60
CA VAL B 70 6.24 2.01 7.73
C VAL B 70 5.77 1.44 6.41
N PHE B 71 5.18 2.28 5.55
CA PHE B 71 4.96 1.91 4.18
C PHE B 71 5.98 2.63 3.26
N ALA B 72 6.97 1.87 2.79
CA ALA B 72 8.03 2.36 1.92
C ALA B 72 7.56 2.31 0.45
N MET B 73 7.90 3.34 -0.34
CA MET B 73 7.31 3.53 -1.68
C MET B 73 8.29 4.14 -2.65
N VAL B 74 8.18 3.71 -3.90
CA VAL B 74 8.88 4.33 -4.97
C VAL B 74 7.76 4.83 -5.83
N VAL B 75 7.84 6.11 -6.21
CA VAL B 75 6.79 6.78 -6.90
C VAL B 75 7.41 7.50 -8.07
N GLU B 76 6.76 7.41 -9.22
CA GLU B 76 7.34 7.85 -10.48
C GLU B 76 6.42 8.86 -11.13
N GLY B 77 7.01 9.88 -11.78
CA GLY B 77 6.30 10.93 -12.54
C GLY B 77 7.19 12.12 -12.87
N GLU B 78 6.84 12.89 -13.91
CA GLU B 78 7.66 14.04 -14.29
C GLU B 78 7.80 14.95 -13.09
N ASP B 79 9.04 15.38 -12.81
CA ASP B 79 9.36 16.20 -11.65
C ASP B 79 8.85 15.59 -10.34
N ALA B 80 8.72 14.26 -10.27
CA ALA B 80 8.30 13.53 -9.03
C ALA B 80 8.84 13.99 -7.65
N VAL B 81 10.14 14.29 -7.55
CA VAL B 81 10.77 14.70 -6.25
C VAL B 81 10.13 15.96 -5.69
N ASN B 82 10.09 17.02 -6.50
CA ASN B 82 9.52 18.29 -6.10
C ASN B 82 7.98 18.26 -6.02
N VAL B 83 7.33 17.45 -6.88
CA VAL B 83 5.90 17.32 -6.83
C VAL B 83 5.47 16.72 -5.48
N SER B 84 6.22 15.71 -5.05
CA SER B 84 5.89 15.00 -3.83
C SER B 84 6.06 15.89 -2.64
N ARG B 85 7.13 16.66 -2.63
CA ARG B 85 7.43 17.59 -1.56
C ARG B 85 6.39 18.65 -1.46
N HIS B 86 5.82 19.03 -2.60
CA HIS B 86 4.81 20.06 -2.68
C HIS B 86 3.55 19.60 -1.98
N ILE B 87 3.08 18.40 -2.31
CA ILE B 87 1.87 17.85 -1.71
C ILE B 87 2.08 17.38 -0.25
N ILE B 88 3.31 17.05 0.10
CA ILE B 88 3.62 16.57 1.45
C ILE B 88 3.58 17.76 2.40
N GLY B 89 4.18 18.88 1.96
CA GLY B 89 4.14 20.16 2.72
C GLY B 89 5.33 20.36 3.64
N SER B 90 5.47 21.54 4.18
CA SER B 90 6.65 21.81 4.97
C SER B 90 6.74 20.91 6.18
N THR B 91 7.97 20.74 6.67
CA THR B 91 8.29 19.79 7.73
C THR B 91 7.39 19.89 8.97
N ASN B 92 7.24 21.11 9.46
CA ASN B 92 6.41 21.41 10.58
C ASN B 92 4.98 21.53 10.07
N PRO B 93 4.09 20.60 10.46
CA PRO B 93 2.71 20.62 9.96
C PRO B 93 1.89 21.87 10.33
N SER B 94 2.32 22.67 11.31
CA SER B 94 1.58 23.90 11.69
C SER B 94 2.00 24.98 10.66
N GLU B 95 3.03 24.71 9.87
CA GLU B 95 3.31 25.60 8.75
C GLU B 95 3.08 25.04 7.35
N ALA B 96 2.90 23.73 7.29
CA ALA B 96 2.60 23.09 6.04
C ALA B 96 1.25 23.68 5.60
N SER B 97 1.16 24.01 4.32
CA SER B 97 -0.04 24.53 3.71
C SER B 97 -1.29 23.65 3.89
N PRO B 98 -2.45 24.26 4.25
CA PRO B 98 -3.64 23.43 4.32
C PRO B 98 -3.85 22.76 2.98
N GLY B 99 -4.40 21.56 3.01
CA GLY B 99 -4.47 20.77 1.80
C GLY B 99 -3.31 19.84 1.54
N SER B 100 -2.14 20.13 2.14
CA SER B 100 -1.02 19.19 2.07
C SER B 100 -1.20 18.06 3.08
N ILE B 101 -0.50 17.00 2.84
CA ILE B 101 -0.56 15.84 3.71
C ILE B 101 -0.26 16.24 5.17
N ARG B 102 0.86 16.92 5.39
CA ARG B 102 1.27 17.30 6.76
C ARG B 102 0.33 18.39 7.29
N GLY B 103 -0.10 19.32 6.42
CA GLY B 103 -0.96 20.43 6.86
C GLY B 103 -2.37 19.98 7.29
N ASP B 104 -2.89 18.94 6.65
CA ASP B 104 -4.16 18.40 7.01
C ASP B 104 -4.03 17.33 8.12
N LEU B 105 -2.95 16.55 8.12
CA LEU B 105 -2.92 15.30 8.87
C LEU B 105 -1.96 15.28 10.03
N GLY B 106 -0.90 16.05 9.94
CA GLY B 106 0.04 16.05 11.05
C GLY B 106 -0.14 17.15 12.06
N LEU B 107 0.24 16.88 13.31
CA LEU B 107 0.18 17.88 14.40
C LEU B 107 1.54 18.49 14.76
N THR B 108 2.60 17.71 14.83
CA THR B 108 3.87 18.19 15.37
C THR B 108 4.96 17.88 14.40
N VAL B 109 6.05 18.65 14.50
CA VAL B 109 7.22 18.50 13.62
C VAL B 109 7.83 17.09 13.67
N GLY B 110 7.90 16.47 14.85
CA GLY B 110 8.47 15.12 14.96
C GLY B 110 7.54 13.97 14.53
N ARG B 111 6.24 14.26 14.37
CA ARG B 111 5.28 13.22 13.96
C ARG B 111 4.45 13.76 12.82
N ASN B 112 5.05 13.69 11.64
CA ASN B 112 4.55 14.43 10.50
C ASN B 112 4.27 13.49 9.31
N ILE B 113 3.81 12.26 9.62
CA ILE B 113 3.03 11.43 8.70
C ILE B 113 3.79 10.73 7.60
N ILE B 114 4.71 11.43 6.94
CA ILE B 114 5.28 10.92 5.72
C ILE B 114 6.67 11.54 5.44
N HIS B 115 7.57 10.78 4.83
CA HIS B 115 8.84 11.32 4.36
C HIS B 115 8.88 11.29 2.84
N GLY B 116 9.49 12.33 2.25
CA GLY B 116 9.82 12.35 0.83
C GLY B 116 11.28 12.72 0.63
N SER B 117 11.95 12.11 -0.37
CA SER B 117 13.30 12.51 -0.79
C SER B 117 13.31 14.01 -1.07
N ASP B 118 14.35 14.73 -0.62
CA ASP B 118 14.42 16.17 -0.82
C ASP B 118 15.14 16.61 -2.07
N SER B 119 15.57 15.68 -2.91
CA SER B 119 16.31 16.02 -4.15
C SER B 119 16.56 14.81 -5.02
N LEU B 120 16.98 15.05 -6.25
CA LEU B 120 17.22 13.96 -7.20
C LEU B 120 18.25 13.00 -6.65
N GLU B 121 19.35 13.53 -6.10
CA GLU B 121 20.47 12.75 -5.58
C GLU B 121 20.06 11.93 -4.36
N SER B 122 19.38 12.48 -3.39
CA SER B 122 18.95 11.67 -2.22
C SER B 122 17.73 10.76 -2.54
N ALA B 123 17.01 11.08 -3.62
CA ALA B 123 16.07 10.10 -4.19
C ALA B 123 16.78 8.85 -4.72
N GLU B 124 17.83 9.00 -5.58
CA GLU B 124 18.54 7.84 -6.10
C GLU B 124 19.12 7.00 -4.98
N ARG B 125 19.59 7.72 -3.98
CA ARG B 125 20.24 7.08 -2.87
C ARG B 125 19.29 6.32 -1.98
N GLU B 126 18.14 6.93 -1.69
CA GLU B 126 17.09 6.34 -0.83
C GLU B 126 16.37 5.15 -1.49
N ILE B 127 16.06 5.29 -2.77
CA ILE B 127 15.47 4.16 -3.52
C ILE B 127 16.41 2.95 -3.48
N ASN B 128 17.71 3.16 -3.72
CA ASN B 128 18.68 2.02 -3.70
C ASN B 128 18.81 1.41 -2.32
N LEU B 129 18.69 2.24 -1.31
CA LEU B 129 18.79 1.76 0.08
C LEU B 129 17.65 0.82 0.47
N TRP B 130 16.43 1.21 0.11
CA TRP B 130 15.21 0.56 0.59
C TRP B 130 14.73 -0.54 -0.35
N PHE B 131 15.03 -0.38 -1.63
CA PHE B 131 14.53 -1.30 -2.66
C PHE B 131 15.68 -1.86 -3.53
N ASN B 132 15.67 -3.18 -3.72
CA ASN B 132 16.25 -3.77 -4.92
C ASN B 132 15.36 -3.62 -6.13
N GLU B 133 15.94 -3.68 -7.29
CA GLU B 133 15.22 -3.37 -8.52
C GLU B 133 14.22 -4.45 -8.88
N ASN B 134 14.54 -5.63 -8.51
CA ASN B 134 13.48 -6.63 -8.72
C ASN B 134 12.19 -6.29 -7.91
N GLU B 135 12.27 -5.29 -7.02
CA GLU B 135 11.10 -4.88 -6.24
C GLU B 135 10.37 -3.73 -6.91
N ILE B 136 10.94 -3.25 -7.99
CA ILE B 136 10.43 -2.07 -8.67
C ILE B 136 9.82 -2.45 -10.01
N THR B 137 8.51 -2.27 -10.09
CA THR B 137 7.80 -2.63 -11.28
C THR B 137 7.88 -1.50 -12.26
N SER B 138 7.69 -1.81 -13.51
CA SER B 138 7.65 -0.78 -14.51
C SER B 138 6.41 -1.04 -15.37
N TYR B 139 5.54 -0.06 -15.48
CA TYR B 139 4.31 -0.30 -16.23
C TYR B 139 3.76 0.99 -16.72
N ALA B 140 3.29 0.95 -17.96
CA ALA B 140 2.53 2.05 -18.52
C ALA B 140 1.12 2.00 -17.90
N SER B 141 0.52 3.18 -17.67
CA SER B 141 -0.84 3.25 -17.17
C SER B 141 -1.72 4.04 -18.15
N PRO B 142 -3.03 3.70 -18.21
CA PRO B 142 -3.90 4.35 -19.13
C PRO B 142 -3.91 5.90 -19.01
N ARG B 143 -3.83 6.46 -17.80
CA ARG B 143 -3.96 7.93 -17.62
C ARG B 143 -2.71 8.70 -18.06
N ASP B 144 -1.59 8.01 -18.29
CA ASP B 144 -0.31 8.66 -18.64
C ASP B 144 -0.39 9.59 -19.87
N ALA B 145 -1.12 9.17 -20.91
CA ALA B 145 -1.26 9.99 -22.15
C ALA B 145 -2.15 11.22 -21.88
N TRP B 146 -2.84 11.21 -20.72
CA TRP B 146 -3.64 12.34 -20.25
C TRP B 146 -2.95 13.27 -19.24
N LEU B 147 -2.02 12.75 -18.43
CA LEU B 147 -1.19 13.59 -17.55
C LEU B 147 -0.10 14.46 -18.24
N TYR B 148 0.42 14.03 -19.39
CA TYR B 148 1.67 14.54 -20.00
C TYR B 148 1.45 14.86 -21.47
N GLU B 149 2.17 15.85 -22.00
CA GLU B 149 2.27 16.08 -23.46
C GLU B 149 3.46 15.36 -24.08
#